data_7XG7
#
_entry.id   7XG7
#
_cell.length_a   115.278
_cell.length_b   76.780
_cell.length_c   97.644
_cell.angle_alpha   90.000
_cell.angle_beta   122.090
_cell.angle_gamma   90.000
#
_symmetry.space_group_name_H-M   'C 1 2 1'
#
loop_
_entity.id
_entity.type
_entity.pdbx_description
1 polymer 'Phosphate transporter subunit'
2 non-polymer 'PHOSPHATE ION'
3 non-polymer GLYCEROL
4 water water
#
_entity_poly.entity_id   1
_entity_poly.type   'polypeptide(L)'
_entity_poly.pdbx_seq_one_letter_code
;MKLKALAAVALAAPLMVACGSTEKANEPFRLNGAGASFPAMLYSNWFTSFSKDTGNKVNYQAVGSGAGVRQFKAKTVDFG
ASDGAVKDSKQPAEGMVHIPMTGGAIVPAYNNPGCDLKMTQTELADVFLGKIDQWSHFGCEGGVIKTVHRSDGSGTTKGF
TNSLSAFSPEWKKTVGTGKSVQWPVGVGGKGNSGVAAGIKLTPGSIGYVNYGYVQNDPALEQPALQNKAGNFVKASAETA
SAGLGEIVLDDQLRGADANPAGANAYPIVSLTWILAYPEYEKNEAVKEVLRYALTPTQQGKADSLGYVPLPESLRQKALA
AVESLK
;
_entity_poly.pdbx_strand_id   A,B
#
# COMPACT_ATOMS: atom_id res chain seq x y z
N PRO A 28 -8.06 27.67 6.92
CA PRO A 28 -8.06 26.27 6.44
C PRO A 28 -9.35 25.51 6.74
N PHE A 29 -9.81 24.72 5.79
CA PHE A 29 -11.06 23.98 5.96
C PHE A 29 -10.80 22.51 6.28
N ARG A 30 -11.86 21.87 6.74
CA ARG A 30 -11.91 20.41 6.96
C ARG A 30 -13.06 19.85 6.17
N LEU A 31 -12.85 18.72 5.51
CA LEU A 31 -13.91 17.98 4.87
C LEU A 31 -13.87 16.54 5.38
N ASN A 32 -15.02 15.87 5.29
CA ASN A 32 -15.17 14.47 5.67
C ASN A 32 -15.89 13.78 4.56
N GLY A 33 -15.24 12.78 3.96
CA GLY A 33 -15.87 11.95 2.94
C GLY A 33 -15.91 10.51 3.38
N ALA A 34 -16.75 9.72 2.73
CA ALA A 34 -16.82 8.30 3.03
C ALA A 34 -17.28 7.48 1.88
N GLY A 35 -16.77 6.25 1.83
CA GLY A 35 -17.26 5.26 0.92
C GLY A 35 -16.22 4.23 0.53
N ALA A 36 -16.21 3.95 -0.78
CA ALA A 36 -15.41 2.90 -1.41
C ALA A 36 -14.00 2.79 -0.85
N SER A 37 -13.64 1.57 -0.48
CA SER A 37 -12.26 1.21 -0.13
C SER A 37 -11.38 0.92 -1.34
N PHE A 38 -11.96 0.56 -2.47
CA PHE A 38 -11.19 0.33 -3.71
C PHE A 38 -10.17 1.43 -4.02
N PRO A 39 -10.56 2.71 -4.00
CA PRO A 39 -9.61 3.80 -4.32
C PRO A 39 -8.93 4.39 -3.08
N ALA A 40 -9.07 3.77 -1.92
CA ALA A 40 -8.65 4.43 -0.69
C ALA A 40 -7.14 4.64 -0.62
N MET A 41 -6.35 3.76 -1.23
CA MET A 41 -4.89 4.00 -1.28
C MET A 41 -4.60 5.32 -1.98
N LEU A 42 -5.24 5.52 -3.11
CA LEU A 42 -5.02 6.71 -3.91
C LEU A 42 -5.63 7.94 -3.30
N TYR A 43 -6.86 7.83 -2.78
CA TYR A 43 -7.49 8.99 -2.16
C TYR A 43 -6.73 9.47 -0.95
N SER A 44 -6.25 8.52 -0.13
CA SER A 44 -5.44 8.87 1.01
C SER A 44 -4.18 9.61 0.61
N ASN A 45 -3.49 9.10 -0.41
CA ASN A 45 -2.34 9.79 -0.94
C ASN A 45 -2.67 11.21 -1.36
N TRP A 46 -3.73 11.36 -2.14
CA TRP A 46 -4.15 12.70 -2.59
C TRP A 46 -4.49 13.67 -1.47
N PHE A 47 -5.26 13.17 -0.51
CA PHE A 47 -5.68 13.99 0.61
C PHE A 47 -4.50 14.34 1.51
N THR A 48 -3.57 13.40 1.72
CA THR A 48 -2.36 13.69 2.48
C THR A 48 -1.51 14.80 1.80
N SER A 49 -1.34 14.65 0.50
CA SER A 49 -0.58 15.60 -0.33
C SER A 49 -1.25 16.97 -0.30
N PHE A 50 -2.57 16.97 -0.40
CA PHE A 50 -3.36 18.23 -0.39
C PHE A 50 -3.16 18.95 0.94
N SER A 51 -3.18 18.19 2.03
CA SER A 51 -2.88 18.73 3.36
C SER A 51 -1.48 19.34 3.48
N LYS A 52 -0.46 18.62 3.00
CA LYS A 52 0.90 19.15 3.03
C LYS A 52 1.00 20.45 2.24
N ASP A 53 0.35 20.50 1.08
CA ASP A 53 0.44 21.65 0.18
C ASP A 53 -0.42 22.85 0.56
N THR A 54 -1.56 22.63 1.22
CA THR A 54 -2.52 23.73 1.44
C THR A 54 -2.87 24.01 2.90
N GLY A 55 -2.64 23.06 3.81
CA GLY A 55 -3.09 23.17 5.17
C GLY A 55 -4.52 22.71 5.43
N ASN A 56 -5.30 22.49 4.37
CA ASN A 56 -6.67 22.02 4.52
C ASN A 56 -6.59 20.51 4.86
N LYS A 57 -7.62 19.99 5.53
CA LYS A 57 -7.64 18.57 5.88
C LYS A 57 -8.88 17.89 5.32
N VAL A 58 -8.70 16.78 4.61
CA VAL A 58 -9.81 16.05 4.03
C VAL A 58 -9.73 14.64 4.59
N ASN A 59 -10.64 14.28 5.47
CA ASN A 59 -10.61 12.95 6.09
C ASN A 59 -11.53 12.05 5.29
N TYR A 60 -11.22 10.77 5.30
CA TYR A 60 -11.94 9.82 4.47
C TYR A 60 -12.08 8.49 5.22
N GLN A 61 -13.31 7.99 5.26
CA GLN A 61 -13.65 6.70 5.89
C GLN A 61 -13.90 5.68 4.79
N ALA A 62 -13.04 4.67 4.72
CA ALA A 62 -13.22 3.63 3.73
C ALA A 62 -14.20 2.59 4.26
N VAL A 63 -15.48 2.92 4.21
CA VAL A 63 -16.55 2.08 4.78
C VAL A 63 -17.22 1.19 3.74
N GLY A 64 -16.76 1.25 2.49
CA GLY A 64 -17.38 0.53 1.37
C GLY A 64 -18.43 1.36 0.65
N SER A 65 -18.67 1.01 -0.61
CA SER A 65 -19.56 1.77 -1.46
C SER A 65 -21.00 1.75 -0.92
N GLY A 66 -21.42 0.60 -0.40
CA GLY A 66 -22.74 0.47 0.24
C GLY A 66 -22.96 1.57 1.25
N ALA A 67 -22.06 1.64 2.23
CA ALA A 67 -22.19 2.62 3.29
C ALA A 67 -21.97 4.04 2.80
N GLY A 68 -21.07 4.21 1.82
CA GLY A 68 -20.86 5.53 1.19
C GLY A 68 -22.12 6.12 0.59
N VAL A 69 -22.84 5.31 -0.17
CA VAL A 69 -24.09 5.81 -0.79
C VAL A 69 -25.13 6.11 0.30
N ARG A 70 -25.18 5.26 1.33
CA ARG A 70 -26.11 5.48 2.47
C ARG A 70 -25.84 6.79 3.21
N GLN A 71 -24.57 7.06 3.51
CA GLN A 71 -24.19 8.28 4.22
C GLN A 71 -24.36 9.50 3.33
N PHE A 72 -24.08 9.35 2.03
CA PHE A 72 -24.35 10.42 1.06
C PHE A 72 -25.84 10.78 1.11
N LYS A 73 -26.69 9.78 0.93
CA LYS A 73 -28.15 9.99 0.99
C LYS A 73 -28.60 10.60 2.30
N ALA A 74 -27.98 10.21 3.40
CA ALA A 74 -28.31 10.73 4.73
C ALA A 74 -27.71 12.10 5.06
N LYS A 75 -26.83 12.63 4.20
CA LYS A 75 -26.22 13.96 4.38
C LYS A 75 -25.35 14.06 5.63
N THR A 76 -24.67 12.98 5.96
CA THR A 76 -23.74 12.94 7.07
C THR A 76 -22.28 13.08 6.61
N VAL A 77 -22.05 13.32 5.31
CA VAL A 77 -20.69 13.51 4.77
C VAL A 77 -20.68 14.71 3.84
N ASP A 78 -19.49 15.25 3.58
CA ASP A 78 -19.35 16.31 2.57
C ASP A 78 -19.32 15.77 1.13
N PHE A 79 -18.93 14.49 0.99
CA PHE A 79 -19.00 13.80 -0.30
C PHE A 79 -18.96 12.31 -0.04
N GLY A 80 -19.48 11.53 -0.97
CA GLY A 80 -19.48 10.07 -0.91
C GLY A 80 -18.55 9.49 -1.95
N ALA A 81 -18.48 8.18 -2.02
CA ALA A 81 -17.62 7.51 -2.97
C ALA A 81 -18.12 6.11 -3.20
N SER A 82 -18.22 5.71 -4.46
CA SER A 82 -18.68 4.38 -4.82
C SER A 82 -18.06 3.92 -6.11
N ASP A 83 -17.77 2.62 -6.19
CA ASP A 83 -17.33 2.00 -7.44
C ASP A 83 -18.49 1.47 -8.28
N GLY A 84 -19.72 1.51 -7.73
CA GLY A 84 -20.94 1.23 -8.48
C GLY A 84 -21.69 2.52 -8.65
N ALA A 85 -21.93 2.92 -9.91
CA ALA A 85 -22.70 4.12 -10.20
C ALA A 85 -24.14 3.95 -9.71
N VAL A 86 -24.81 5.04 -9.37
CA VAL A 86 -26.09 5.04 -8.72
C VAL A 86 -27.07 5.39 -9.85
N LYS A 87 -27.97 4.46 -10.14
CA LYS A 87 -29.03 4.68 -11.15
C LYS A 87 -30.01 5.77 -10.68
N ASP A 88 -30.66 6.43 -11.65
CA ASP A 88 -31.51 7.61 -11.39
C ASP A 88 -32.57 7.34 -10.31
N SER A 89 -33.19 6.15 -10.35
CA SER A 89 -34.24 5.81 -9.39
C SER A 89 -33.78 5.68 -7.94
N LYS A 90 -32.46 5.53 -7.72
CA LYS A 90 -31.89 5.44 -6.37
C LYS A 90 -31.19 6.73 -5.94
N GLN A 91 -31.14 7.74 -6.81
CA GLN A 91 -30.54 9.02 -6.43
C GLN A 91 -31.49 9.78 -5.49
N PRO A 92 -30.95 10.53 -4.51
CA PRO A 92 -31.81 11.35 -3.65
C PRO A 92 -32.51 12.43 -4.47
N ALA A 93 -33.68 12.86 -4.02
CA ALA A 93 -34.48 13.85 -4.75
C ALA A 93 -33.65 15.10 -5.07
N GLU A 94 -32.85 15.53 -4.09
CA GLU A 94 -31.91 16.66 -4.24
C GLU A 94 -30.78 16.48 -5.28
N GLY A 95 -30.63 15.27 -5.82
CA GLY A 95 -29.74 14.98 -6.96
C GLY A 95 -28.36 14.55 -6.53
N MET A 96 -27.59 14.04 -7.50
CA MET A 96 -26.18 13.72 -7.25
C MET A 96 -25.34 13.82 -8.51
N VAL A 97 -24.08 14.21 -8.32
CA VAL A 97 -23.15 14.35 -9.42
C VAL A 97 -22.08 13.28 -9.23
N HIS A 98 -21.90 12.44 -10.23
CA HIS A 98 -20.78 11.47 -10.25
C HIS A 98 -19.53 12.11 -10.83
N ILE A 99 -18.40 12.02 -10.11
CA ILE A 99 -17.12 12.57 -10.61
C ILE A 99 -16.15 11.38 -10.69
N PRO A 100 -15.86 10.87 -11.90
CA PRO A 100 -14.94 9.73 -11.98
C PRO A 100 -13.54 10.22 -11.59
N MET A 101 -12.84 9.48 -10.74
CA MET A 101 -11.53 9.88 -10.22
C MET A 101 -10.41 9.01 -10.74
N THR A 102 -10.70 7.73 -10.98
CA THR A 102 -9.70 6.78 -11.41
C THR A 102 -10.43 5.52 -11.85
N GLY A 103 -9.65 4.56 -12.32
CA GLY A 103 -10.13 3.20 -12.54
C GLY A 103 -9.05 2.20 -12.20
N GLY A 104 -9.40 0.92 -12.24
CA GLY A 104 -8.40 -0.09 -11.97
C GLY A 104 -8.90 -1.51 -12.12
N ALA A 105 -7.96 -2.43 -12.19
CA ALA A 105 -8.27 -3.84 -12.15
C ALA A 105 -8.71 -4.27 -10.76
N ILE A 106 -9.64 -5.23 -10.74
CA ILE A 106 -9.98 -6.00 -9.55
C ILE A 106 -9.41 -7.37 -9.83
N VAL A 107 -8.47 -7.81 -9.01
CA VAL A 107 -7.78 -9.06 -9.30
C VAL A 107 -8.08 -10.15 -8.30
N PRO A 108 -8.04 -11.43 -8.76
CA PRO A 108 -8.12 -12.56 -7.83
C PRO A 108 -6.80 -12.86 -7.07
N ALA A 109 -6.51 -12.04 -6.08
CA ALA A 109 -5.28 -12.16 -5.31
C ALA A 109 -5.20 -13.48 -4.56
N TYR A 110 -4.03 -14.12 -4.59
CA TYR A 110 -3.89 -15.40 -3.91
C TYR A 110 -2.57 -15.56 -3.17
N ASN A 111 -2.61 -16.40 -2.14
CA ASN A 111 -1.48 -16.71 -1.25
C ASN A 111 -1.19 -18.20 -1.39
N ASN A 112 -0.28 -18.55 -2.29
CA ASN A 112 0.15 -19.95 -2.48
C ASN A 112 1.53 -19.91 -3.13
N PRO A 113 2.56 -19.67 -2.33
CA PRO A 113 3.90 -19.52 -2.89
C PRO A 113 4.31 -20.73 -3.68
N GLY A 114 4.87 -20.45 -4.86
CA GLY A 114 5.36 -21.49 -5.77
C GLY A 114 4.37 -21.89 -6.82
N CYS A 115 3.10 -21.51 -6.64
CA CYS A 115 2.04 -21.77 -7.62
C CYS A 115 1.95 -20.61 -8.61
N ASP A 116 2.15 -20.89 -9.91
CA ASP A 116 1.90 -19.89 -10.95
C ASP A 116 0.53 -20.21 -11.53
N LEU A 117 -0.46 -19.52 -11.00
CA LEU A 117 -1.84 -19.80 -11.29
C LEU A 117 -2.26 -19.24 -12.63
N LYS A 118 -2.83 -20.12 -13.45
CA LYS A 118 -3.44 -19.77 -14.72
C LYS A 118 -4.89 -20.24 -14.69
N MET A 119 -5.83 -19.37 -15.03
CA MET A 119 -7.26 -19.68 -14.92
C MET A 119 -8.06 -19.23 -16.11
N THR A 120 -8.93 -20.10 -16.60
CA THR A 120 -9.97 -19.67 -17.53
C THR A 120 -11.07 -18.95 -16.77
N GLN A 121 -11.93 -18.27 -17.52
CA GLN A 121 -13.06 -17.56 -16.91
C GLN A 121 -14.00 -18.53 -16.19
N THR A 122 -14.25 -19.68 -16.80
CA THR A 122 -15.02 -20.73 -16.13
C THR A 122 -14.37 -21.23 -14.85
N GLU A 123 -13.06 -21.46 -14.88
CA GLU A 123 -12.36 -21.94 -13.70
C GLU A 123 -12.44 -20.94 -12.55
N LEU A 124 -12.33 -19.64 -12.86
CA LEU A 124 -12.39 -18.62 -11.79
C LEU A 124 -13.77 -18.66 -11.11
N ALA A 125 -14.80 -18.66 -11.93
CA ALA A 125 -16.14 -18.79 -11.42
C ALA A 125 -16.32 -20.10 -10.65
N ASP A 126 -15.83 -21.21 -11.19
CA ASP A 126 -16.00 -22.51 -10.52
C ASP A 126 -15.25 -22.58 -9.18
N VAL A 127 -14.13 -21.88 -9.06
CA VAL A 127 -13.48 -21.76 -7.73
C VAL A 127 -14.41 -21.05 -6.77
N PHE A 128 -15.01 -19.92 -7.17
CA PHE A 128 -15.90 -19.21 -6.24
C PHE A 128 -17.25 -19.91 -6.01
N LEU A 129 -17.65 -20.77 -6.93
CA LEU A 129 -18.83 -21.63 -6.71
C LEU A 129 -18.55 -22.81 -5.78
N GLY A 130 -17.29 -23.08 -5.46
CA GLY A 130 -16.93 -24.27 -4.72
C GLY A 130 -16.75 -25.53 -5.56
N LYS A 131 -16.91 -25.43 -6.87
CA LYS A 131 -16.82 -26.58 -7.77
C LYS A 131 -15.38 -27.07 -7.96
N ILE A 132 -14.42 -26.14 -7.88
CA ILE A 132 -13.01 -26.49 -7.80
C ILE A 132 -12.47 -26.05 -6.45
N ASP A 133 -12.07 -27.00 -5.62
CA ASP A 133 -11.52 -26.70 -4.29
C ASP A 133 -10.16 -27.31 -3.99
N GLN A 134 -9.49 -27.82 -5.03
CA GLN A 134 -8.17 -28.42 -4.89
C GLN A 134 -7.16 -27.69 -5.77
N TRP A 135 -6.07 -27.24 -5.17
CA TRP A 135 -4.97 -26.58 -5.90
C TRP A 135 -4.39 -27.48 -7.01
N SER A 136 -4.45 -28.80 -6.82
CA SER A 136 -4.01 -29.78 -7.80
C SER A 136 -4.74 -29.62 -9.16
N HIS A 137 -5.95 -29.10 -9.16
CA HIS A 137 -6.64 -28.80 -10.43
C HIS A 137 -5.78 -27.90 -11.34
N PHE A 138 -5.05 -26.97 -10.75
CA PHE A 138 -4.21 -26.01 -11.47
C PHE A 138 -2.75 -26.44 -11.61
N GLY A 139 -2.47 -27.69 -11.24
CA GLY A 139 -1.13 -28.23 -11.25
C GLY A 139 -0.28 -27.74 -10.12
N CYS A 140 -0.90 -27.28 -9.02
CA CYS A 140 -0.16 -26.67 -7.93
C CYS A 140 -0.24 -27.48 -6.68
N GLU A 141 0.81 -27.34 -5.86
CA GLU A 141 0.76 -27.74 -4.47
C GLU A 141 -0.13 -26.78 -3.68
N GLY A 142 -0.39 -27.10 -2.42
CA GLY A 142 -1.15 -26.23 -1.50
C GLY A 142 -2.38 -26.87 -0.90
N GLY A 143 -2.83 -27.99 -1.46
CA GLY A 143 -3.95 -28.74 -0.89
C GLY A 143 -5.28 -28.09 -1.26
N VAL A 144 -6.00 -27.60 -0.24
CA VAL A 144 -7.36 -27.13 -0.43
C VAL A 144 -7.36 -25.62 -0.74
N ILE A 145 -8.19 -25.20 -1.69
CA ILE A 145 -8.39 -23.80 -2.00
C ILE A 145 -9.39 -23.21 -1.00
N LYS A 146 -9.01 -22.12 -0.34
CA LYS A 146 -9.88 -21.42 0.58
C LYS A 146 -10.17 -20.08 -0.03
N THR A 147 -11.45 -19.72 -0.14
CA THR A 147 -11.79 -18.43 -0.69
C THR A 147 -12.14 -17.39 0.36
N VAL A 148 -11.97 -16.15 -0.06
CA VAL A 148 -12.16 -15.00 0.78
C VAL A 148 -12.99 -13.98 0.00
N HIS A 149 -14.05 -13.46 0.63
CA HIS A 149 -14.89 -12.47 -0.02
C HIS A 149 -15.27 -11.36 0.95
N ARG A 150 -15.98 -10.35 0.45
CA ARG A 150 -16.33 -9.21 1.28
C ARG A 150 -17.54 -9.49 2.17
N SER A 151 -17.48 -9.00 3.40
CA SER A 151 -18.62 -9.09 4.32
C SER A 151 -19.52 -7.85 4.26
N ASP A 152 -18.99 -6.73 3.78
CA ASP A 152 -19.69 -5.45 3.77
C ASP A 152 -20.16 -5.17 2.35
N GLY A 153 -21.17 -4.31 2.21
CA GLY A 153 -21.69 -3.87 0.90
C GLY A 153 -20.60 -3.17 0.12
N SER A 154 -20.30 -3.69 -1.05
CA SER A 154 -19.04 -3.38 -1.75
C SER A 154 -19.14 -3.21 -3.28
N GLY A 155 -18.59 -2.09 -3.77
CA GLY A 155 -18.42 -1.88 -5.19
C GLY A 155 -17.40 -2.80 -5.85
N THR A 156 -16.39 -3.22 -5.10
CA THR A 156 -15.44 -4.23 -5.59
C THR A 156 -16.19 -5.58 -5.79
N THR A 157 -17.05 -5.95 -4.85
CA THR A 157 -17.89 -7.15 -4.99
C THR A 157 -18.78 -6.99 -6.22
N LYS A 158 -19.35 -5.81 -6.37
CA LYS A 158 -20.23 -5.52 -7.54
C LYS A 158 -19.50 -5.81 -8.83
N GLY A 159 -18.28 -5.27 -8.98
CA GLY A 159 -17.49 -5.48 -10.17
C GLY A 159 -17.06 -6.92 -10.35
N PHE A 160 -16.53 -7.52 -9.29
CA PHE A 160 -16.09 -8.90 -9.36
C PHE A 160 -17.23 -9.83 -9.77
N THR A 161 -18.40 -9.66 -9.15
CA THR A 161 -19.55 -10.54 -9.43
C THR A 161 -20.22 -10.22 -10.78
N ASN A 162 -20.12 -8.96 -11.21
CA ASN A 162 -20.55 -8.59 -12.57
C ASN A 162 -19.75 -9.40 -13.58
N SER A 163 -18.43 -9.48 -13.36
CA SER A 163 -17.55 -10.25 -14.20
C SER A 163 -17.85 -11.76 -14.09
N LEU A 164 -17.93 -12.32 -12.88
CA LEU A 164 -18.27 -13.75 -12.73
C LEU A 164 -19.61 -14.06 -13.43
N SER A 165 -20.57 -13.14 -13.37
CA SER A 165 -21.87 -13.34 -14.04
C SER A 165 -21.74 -13.40 -15.57
N ALA A 166 -20.90 -12.51 -16.13
CA ALA A 166 -20.57 -12.57 -17.56
C ALA A 166 -19.75 -13.81 -17.91
N PHE A 167 -18.87 -14.24 -17.02
CA PHE A 167 -18.03 -15.41 -17.26
C PHE A 167 -18.77 -16.74 -17.26
N SER A 168 -19.80 -16.86 -16.42
CA SER A 168 -20.34 -18.16 -16.07
C SER A 168 -21.87 -18.06 -15.94
N PRO A 169 -22.60 -18.71 -16.87
CA PRO A 169 -24.06 -18.77 -16.73
C PRO A 169 -24.52 -19.29 -15.36
N GLU A 170 -23.80 -20.28 -14.82
CA GLU A 170 -24.14 -20.83 -13.52
C GLU A 170 -23.97 -19.79 -12.41
N TRP A 171 -22.87 -19.04 -12.45
CA TRP A 171 -22.73 -17.93 -11.49
C TRP A 171 -23.90 -16.94 -11.60
N LYS A 172 -24.21 -16.53 -12.82
CA LYS A 172 -25.23 -15.53 -13.06
C LYS A 172 -26.58 -16.01 -12.51
N LYS A 173 -26.90 -17.28 -12.74
CA LYS A 173 -28.17 -17.86 -12.28
C LYS A 173 -28.22 -18.05 -10.76
N THR A 174 -27.17 -18.63 -10.17
CA THR A 174 -27.24 -19.02 -8.74
C THR A 174 -26.78 -17.96 -7.76
N VAL A 175 -25.89 -17.04 -8.16
CA VAL A 175 -25.40 -15.99 -7.27
C VAL A 175 -25.67 -14.60 -7.78
N GLY A 176 -25.35 -14.35 -9.04
CA GLY A 176 -25.63 -13.04 -9.66
C GLY A 176 -24.63 -11.96 -9.24
N THR A 177 -25.06 -10.70 -9.36
CA THR A 177 -24.20 -9.56 -9.07
C THR A 177 -24.92 -8.50 -8.22
N GLY A 178 -24.18 -7.92 -7.31
CA GLY A 178 -24.66 -6.85 -6.49
C GLY A 178 -23.55 -6.42 -5.55
N LYS A 179 -23.84 -5.39 -4.77
CA LYS A 179 -22.91 -4.92 -3.76
C LYS A 179 -22.73 -6.00 -2.67
N SER A 180 -23.78 -6.80 -2.44
CA SER A 180 -23.71 -7.98 -1.60
C SER A 180 -24.34 -9.14 -2.34
N VAL A 181 -23.80 -10.33 -2.16
CA VAL A 181 -24.37 -11.53 -2.73
C VAL A 181 -24.31 -12.66 -1.70
N GLN A 182 -25.00 -13.74 -2.01
CA GLN A 182 -24.97 -14.98 -1.23
C GLN A 182 -23.85 -15.90 -1.72
N TRP A 183 -22.77 -16.00 -0.95
CA TRP A 183 -21.59 -16.73 -1.38
C TRP A 183 -21.74 -18.23 -1.09
N PRO A 184 -21.54 -19.08 -2.09
CA PRO A 184 -21.63 -20.52 -1.86
C PRO A 184 -20.64 -21.10 -0.83
N VAL A 185 -19.43 -20.55 -0.79
CA VAL A 185 -18.39 -20.96 0.15
C VAL A 185 -17.54 -19.72 0.52
N GLY A 186 -16.71 -19.88 1.53
CA GLY A 186 -15.67 -18.90 1.84
C GLY A 186 -15.90 -18.07 3.05
N VAL A 187 -14.88 -17.28 3.40
CA VAL A 187 -14.89 -16.47 4.62
C VAL A 187 -14.95 -15.00 4.26
N GLY A 188 -15.59 -14.22 5.12
CA GLY A 188 -15.76 -12.82 4.91
C GLY A 188 -14.63 -12.02 5.48
N GLY A 189 -14.35 -10.90 4.82
CA GLY A 189 -13.39 -9.91 5.31
C GLY A 189 -13.96 -8.53 5.08
N LYS A 190 -13.63 -7.58 5.95
CA LYS A 190 -14.20 -6.24 5.88
C LYS A 190 -13.30 -5.28 5.09
N GLY A 191 -13.83 -4.70 4.00
CA GLY A 191 -13.05 -3.78 3.16
C GLY A 191 -12.11 -4.54 2.27
N ASN A 192 -11.56 -3.85 1.27
CA ASN A 192 -10.43 -4.43 0.54
C ASN A 192 -9.28 -4.77 1.49
N SER A 193 -9.05 -3.93 2.50
CA SER A 193 -7.98 -4.23 3.46
C SER A 193 -8.21 -5.55 4.22
N GLY A 194 -9.45 -5.80 4.66
CA GLY A 194 -9.75 -7.07 5.36
C GLY A 194 -9.69 -8.31 4.47
N VAL A 195 -10.10 -8.17 3.21
CA VAL A 195 -9.95 -9.27 2.25
C VAL A 195 -8.47 -9.58 2.03
N ALA A 196 -7.67 -8.54 1.78
CA ALA A 196 -6.25 -8.74 1.56
C ALA A 196 -5.62 -9.39 2.79
N ALA A 197 -5.96 -8.89 3.97
CA ALA A 197 -5.44 -9.49 5.23
C ALA A 197 -5.85 -10.96 5.36
N GLY A 198 -7.09 -11.30 5.01
CA GLY A 198 -7.58 -12.67 5.13
C GLY A 198 -6.84 -13.61 4.20
N ILE A 199 -6.56 -13.14 2.98
CA ILE A 199 -5.77 -13.94 2.03
C ILE A 199 -4.36 -14.17 2.58
N LYS A 200 -3.73 -13.11 3.06
CA LYS A 200 -2.38 -13.23 3.60
C LYS A 200 -2.30 -14.14 4.83
N LEU A 201 -3.35 -14.17 5.61
CA LEU A 201 -3.35 -14.90 6.87
C LEU A 201 -3.62 -16.40 6.68
N THR A 202 -4.15 -16.79 5.53
CA THR A 202 -4.66 -18.12 5.29
C THR A 202 -3.87 -18.78 4.14
N PRO A 203 -2.93 -19.68 4.45
CA PRO A 203 -2.21 -20.34 3.34
C PRO A 203 -3.16 -21.04 2.36
N GLY A 204 -2.89 -20.88 1.09
CA GLY A 204 -3.66 -21.52 0.03
C GLY A 204 -5.00 -20.88 -0.21
N SER A 205 -5.10 -19.56 0.00
CA SER A 205 -6.36 -18.85 -0.19
C SER A 205 -6.33 -17.91 -1.40
N ILE A 206 -7.53 -17.56 -1.85
CA ILE A 206 -7.74 -16.66 -2.98
C ILE A 206 -8.92 -15.77 -2.67
N GLY A 207 -8.85 -14.51 -3.06
CA GLY A 207 -9.94 -13.57 -2.89
C GLY A 207 -9.97 -12.60 -4.04
N TYR A 208 -10.50 -11.40 -3.82
CA TYR A 208 -10.49 -10.38 -4.86
C TYR A 208 -10.30 -9.01 -4.21
N VAL A 209 -9.44 -8.20 -4.80
CA VAL A 209 -9.03 -6.93 -4.21
C VAL A 209 -8.63 -5.96 -5.32
N ASN A 210 -8.62 -4.67 -5.00
CA ASN A 210 -7.96 -3.73 -5.94
C ASN A 210 -6.50 -4.08 -6.11
N TYR A 211 -5.99 -3.85 -7.32
CA TYR A 211 -4.70 -4.38 -7.73
C TYR A 211 -3.50 -3.94 -6.87
N GLY A 212 -3.53 -2.74 -6.30
CA GLY A 212 -2.44 -2.28 -5.45
C GLY A 212 -2.09 -3.20 -4.31
N TYR A 213 -3.09 -3.90 -3.77
CA TYR A 213 -2.83 -4.88 -2.72
C TYR A 213 -1.97 -6.07 -3.17
N VAL A 214 -1.92 -6.31 -4.48
CA VAL A 214 -1.07 -7.32 -5.04
C VAL A 214 0.24 -6.71 -5.57
N GLN A 215 0.14 -5.67 -6.35
CA GLN A 215 1.33 -5.07 -6.95
C GLN A 215 2.36 -4.68 -5.91
N ASN A 216 1.89 -4.11 -4.82
CA ASN A 216 2.78 -3.52 -3.83
C ASN A 216 2.87 -4.36 -2.58
N ASP A 217 2.67 -5.67 -2.71
CA ASP A 217 2.84 -6.60 -1.57
C ASP A 217 3.48 -7.87 -2.07
N PRO A 218 4.70 -8.18 -1.59
CA PRO A 218 5.41 -9.31 -2.16
C PRO A 218 4.85 -10.68 -1.75
N ALA A 219 3.88 -10.69 -0.82
CA ALA A 219 3.26 -11.93 -0.38
C ALA A 219 2.02 -12.30 -1.15
N LEU A 220 1.51 -11.44 -2.04
CA LEU A 220 0.30 -11.78 -2.82
C LEU A 220 0.64 -11.80 -4.29
N GLU A 221 -0.01 -12.71 -5.03
CA GLU A 221 0.16 -12.79 -6.46
C GLU A 221 -1.21 -12.76 -7.10
N GLN A 222 -1.21 -12.61 -8.40
CA GLN A 222 -2.42 -12.67 -9.22
C GLN A 222 -2.31 -13.73 -10.32
N PRO A 223 -3.45 -14.31 -10.73
CA PRO A 223 -3.41 -15.30 -11.79
C PRO A 223 -3.28 -14.67 -13.19
N ALA A 224 -2.74 -15.46 -14.13
CA ALA A 224 -2.93 -15.19 -15.52
C ALA A 224 -4.37 -15.62 -15.81
N LEU A 225 -5.20 -14.65 -16.15
CA LEU A 225 -6.65 -14.84 -16.21
C LEU A 225 -7.12 -14.62 -17.63
N GLN A 226 -7.89 -15.57 -18.14
CA GLN A 226 -8.43 -15.49 -19.50
C GLN A 226 -9.38 -14.32 -19.72
N ASN A 227 -9.17 -13.57 -20.80
CA ASN A 227 -10.08 -12.46 -21.15
C ASN A 227 -11.08 -12.94 -22.20
N LYS A 228 -12.02 -12.07 -22.54
CA LYS A 228 -13.04 -12.42 -23.55
C LYS A 228 -12.40 -12.87 -24.88
N ALA A 229 -11.33 -12.19 -25.29
CA ALA A 229 -10.60 -12.55 -26.51
C ALA A 229 -9.86 -13.90 -26.49
N GLY A 230 -9.69 -14.51 -25.31
CA GLY A 230 -9.05 -15.81 -25.17
C GLY A 230 -7.61 -15.80 -24.71
N ASN A 231 -7.08 -14.62 -24.38
CA ASN A 231 -5.70 -14.51 -23.94
C ASN A 231 -5.65 -14.48 -22.44
N PHE A 232 -4.60 -15.07 -21.87
CA PHE A 232 -4.42 -15.16 -20.42
C PHE A 232 -3.53 -13.99 -20.01
N VAL A 233 -4.07 -13.08 -19.21
CA VAL A 233 -3.43 -11.79 -18.94
C VAL A 233 -3.39 -11.52 -17.44
N LYS A 234 -2.36 -10.80 -17.02
CA LYS A 234 -2.28 -10.28 -15.68
C LYS A 234 -2.57 -8.80 -15.73
N ALA A 235 -3.08 -8.25 -14.61
CA ALA A 235 -3.33 -6.81 -14.52
C ALA A 235 -2.00 -6.03 -14.57
N SER A 236 -2.01 -5.00 -15.40
CA SER A 236 -0.93 -4.02 -15.50
C SER A 236 -1.48 -2.73 -16.09
N ALA A 237 -0.66 -1.68 -16.13
CA ALA A 237 -1.05 -0.44 -16.80
C ALA A 237 -1.61 -0.73 -18.20
N GLU A 238 -0.91 -1.55 -18.98
CA GLU A 238 -1.32 -1.86 -20.35
C GLU A 238 -2.71 -2.57 -20.39
N THR A 239 -2.86 -3.64 -19.62
CA THR A 239 -4.07 -4.47 -19.72
C THR A 239 -5.26 -3.83 -19.03
N ALA A 240 -5.04 -3.18 -17.89
CA ALA A 240 -6.14 -2.50 -17.21
C ALA A 240 -6.67 -1.32 -18.00
N SER A 241 -5.76 -0.53 -18.61
CA SER A 241 -6.19 0.61 -19.43
C SER A 241 -6.94 0.12 -20.67
N ALA A 242 -6.50 -1.02 -21.21
CA ALA A 242 -7.13 -1.63 -22.38
C ALA A 242 -8.56 -2.04 -22.05
N GLY A 243 -8.75 -2.64 -20.88
CA GLY A 243 -10.09 -3.03 -20.46
C GLY A 243 -10.96 -1.85 -20.13
N LEU A 244 -10.43 -0.89 -19.35
CA LEU A 244 -11.18 0.29 -18.99
C LEU A 244 -11.63 1.12 -20.20
N GLY A 245 -10.77 1.16 -21.22
CA GLY A 245 -11.06 1.93 -22.44
C GLY A 245 -12.31 1.48 -23.20
N GLU A 246 -12.76 0.26 -22.97
CA GLU A 246 -14.01 -0.25 -23.58
C GLU A 246 -15.29 0.25 -22.92
N ILE A 247 -15.20 0.82 -21.73
CA ILE A 247 -16.37 1.29 -21.02
C ILE A 247 -16.96 2.51 -21.74
N VAL A 248 -18.25 2.43 -22.03
CA VAL A 248 -19.03 3.51 -22.59
C VAL A 248 -19.78 4.21 -21.47
N LEU A 249 -19.60 5.53 -21.37
CA LEU A 249 -20.23 6.31 -20.32
C LEU A 249 -21.49 6.99 -20.80
N ASP A 250 -22.43 7.16 -19.88
CA ASP A 250 -23.63 7.97 -20.14
C ASP A 250 -23.36 9.44 -19.84
N ASP A 251 -24.39 10.28 -19.94
CA ASP A 251 -24.21 11.72 -19.74
C ASP A 251 -24.07 12.14 -18.29
N GLN A 252 -24.13 11.18 -17.35
CA GLN A 252 -23.71 11.42 -15.97
C GLN A 252 -22.35 10.80 -15.66
N LEU A 253 -21.62 10.38 -16.69
CA LEU A 253 -20.28 9.78 -16.60
C LEU A 253 -20.30 8.41 -15.90
N ARG A 254 -21.44 7.72 -16.02
CA ARG A 254 -21.61 6.38 -15.42
C ARG A 254 -21.42 5.31 -16.48
N GLY A 255 -20.78 4.20 -16.14
CA GLY A 255 -20.67 3.07 -17.04
C GLY A 255 -19.82 1.94 -16.50
N ALA A 256 -20.00 0.76 -17.08
CA ALA A 256 -19.26 -0.43 -16.70
C ALA A 256 -19.18 -1.38 -17.86
N ASP A 257 -18.20 -2.28 -17.82
CA ASP A 257 -18.09 -3.38 -18.75
C ASP A 257 -17.55 -4.58 -17.98
N ALA A 258 -18.37 -5.61 -17.87
CA ALA A 258 -18.06 -6.79 -17.07
C ALA A 258 -17.01 -7.69 -17.66
N ASN A 259 -16.71 -7.57 -18.95
CA ASN A 259 -15.88 -8.55 -19.64
C ASN A 259 -15.40 -7.94 -20.96
N PRO A 260 -14.51 -6.94 -20.87
CA PRO A 260 -14.22 -6.15 -22.07
C PRO A 260 -13.50 -6.90 -23.19
N ALA A 261 -13.88 -6.55 -24.42
CA ALA A 261 -13.24 -7.07 -25.61
C ALA A 261 -11.87 -6.45 -25.78
N GLY A 262 -11.07 -7.09 -26.60
CA GLY A 262 -9.75 -6.59 -26.96
C GLY A 262 -8.74 -7.64 -26.59
N ALA A 263 -7.75 -7.84 -27.47
CA ALA A 263 -6.73 -8.86 -27.31
C ALA A 263 -6.04 -8.78 -25.95
N ASN A 264 -5.78 -7.56 -25.52
CA ASN A 264 -4.99 -7.36 -24.31
C ASN A 264 -5.75 -6.77 -23.11
N ALA A 265 -7.08 -6.88 -23.11
CA ALA A 265 -7.91 -6.32 -22.05
C ALA A 265 -7.82 -7.19 -20.81
N TYR A 266 -7.57 -6.57 -19.65
CA TYR A 266 -7.79 -7.23 -18.37
C TYR A 266 -9.31 -7.35 -18.13
N PRO A 267 -9.81 -8.54 -17.77
CA PRO A 267 -11.26 -8.72 -17.87
C PRO A 267 -12.11 -8.21 -16.72
N ILE A 268 -11.50 -7.90 -15.57
CA ILE A 268 -12.21 -7.40 -14.42
C ILE A 268 -11.65 -6.01 -14.05
N VAL A 269 -12.36 -4.99 -14.52
CA VAL A 269 -11.96 -3.59 -14.34
C VAL A 269 -13.15 -2.77 -13.93
N SER A 270 -12.89 -1.72 -13.15
CA SER A 270 -13.93 -0.80 -12.76
C SER A 270 -13.43 0.62 -12.67
N LEU A 271 -14.30 1.56 -13.02
CA LEU A 271 -14.13 2.95 -12.66
C LEU A 271 -14.61 3.14 -11.24
N THR A 272 -14.34 4.30 -10.67
CA THR A 272 -14.81 4.63 -9.34
C THR A 272 -15.07 6.14 -9.30
N TRP A 273 -16.10 6.52 -8.56
CA TRP A 273 -16.61 7.89 -8.54
C TRP A 273 -16.66 8.48 -7.16
N ILE A 274 -16.35 9.77 -7.07
CA ILE A 274 -16.76 10.59 -5.95
C ILE A 274 -18.18 11.11 -6.24
N LEU A 275 -18.97 11.14 -5.19
CA LEU A 275 -20.40 11.50 -5.26
C LEU A 275 -20.52 12.83 -4.58
N ALA A 276 -20.96 13.84 -5.33
CA ALA A 276 -21.06 15.20 -4.84
C ALA A 276 -22.52 15.69 -4.89
N TYR A 277 -22.85 16.56 -3.94
CA TYR A 277 -24.18 17.20 -3.92
C TYR A 277 -24.18 18.31 -4.97
N PRO A 278 -25.26 18.43 -5.77
CA PRO A 278 -25.27 19.49 -6.78
C PRO A 278 -25.11 20.89 -6.24
N GLU A 279 -25.71 21.14 -5.08
CA GLU A 279 -25.67 22.42 -4.40
C GLU A 279 -25.46 22.19 -2.92
N TYR A 280 -24.44 22.81 -2.34
CA TYR A 280 -24.02 22.53 -0.98
C TYR A 280 -23.13 23.66 -0.46
N GLU A 281 -23.30 24.02 0.81
CA GLU A 281 -22.57 25.15 1.39
C GLU A 281 -21.04 25.00 1.40
N LYS A 282 -20.54 23.75 1.43
CA LYS A 282 -19.09 23.52 1.45
C LYS A 282 -18.52 23.11 0.11
N ASN A 283 -19.30 23.23 -0.97
CA ASN A 283 -18.85 22.78 -2.28
C ASN A 283 -17.67 23.56 -2.86
N GLU A 284 -17.42 24.80 -2.44
CA GLU A 284 -16.18 25.46 -2.87
C GLU A 284 -14.93 24.71 -2.36
N ALA A 285 -14.99 24.22 -1.13
CA ALA A 285 -13.91 23.39 -0.59
C ALA A 285 -13.85 22.02 -1.28
N VAL A 286 -15.01 21.41 -1.53
CA VAL A 286 -15.05 20.14 -2.28
C VAL A 286 -14.42 20.34 -3.65
N LYS A 287 -14.81 21.42 -4.33
CA LYS A 287 -14.23 21.71 -5.62
C LYS A 287 -12.71 21.90 -5.59
N GLU A 288 -12.19 22.56 -4.56
CA GLU A 288 -10.74 22.76 -4.47
C GLU A 288 -10.01 21.39 -4.41
N VAL A 289 -10.52 20.47 -3.61
CA VAL A 289 -9.80 19.18 -3.43
C VAL A 289 -9.95 18.32 -4.68
N LEU A 290 -11.12 18.35 -5.33
CA LEU A 290 -11.30 17.56 -6.53
C LEU A 290 -10.48 18.10 -7.69
N ARG A 291 -10.40 19.43 -7.81
CA ARG A 291 -9.51 20.03 -8.82
C ARG A 291 -8.06 19.56 -8.64
N TYR A 292 -7.63 19.54 -7.38
CA TYR A 292 -6.27 19.12 -7.03
C TYR A 292 -6.04 17.66 -7.40
N ALA A 293 -7.00 16.81 -7.06
CA ALA A 293 -6.90 15.36 -7.36
C ALA A 293 -6.92 15.04 -8.86
N LEU A 294 -7.53 15.95 -9.63
CA LEU A 294 -7.64 15.79 -11.05
C LEU A 294 -6.49 16.42 -11.85
N THR A 295 -5.53 17.07 -11.18
CA THR A 295 -4.33 17.54 -11.93
C THR A 295 -3.56 16.33 -12.48
N PRO A 296 -2.85 16.52 -13.60
CA PRO A 296 -2.00 15.44 -14.11
C PRO A 296 -0.94 14.97 -13.10
N THR A 297 -0.44 15.88 -12.27
CA THR A 297 0.55 15.51 -11.25
C THR A 297 -0.04 14.54 -10.22
N GLN A 298 -1.23 14.82 -9.69
CA GLN A 298 -1.83 13.86 -8.75
C GLN A 298 -2.32 12.61 -9.44
N GLN A 299 -2.88 12.76 -10.63
CA GLN A 299 -3.42 11.64 -11.38
C GLN A 299 -2.34 10.63 -11.72
N GLY A 300 -1.15 11.13 -12.03
CA GLY A 300 -0.05 10.29 -12.44
C GLY A 300 0.48 9.32 -11.38
N LYS A 301 0.11 9.52 -10.12
CA LYS A 301 0.38 8.56 -9.04
C LYS A 301 -0.43 7.25 -9.15
N ALA A 302 -1.46 7.24 -9.98
CA ALA A 302 -2.37 6.11 -10.05
C ALA A 302 -1.66 4.77 -10.26
N ASP A 303 -0.75 4.72 -11.23
CA ASP A 303 -0.15 3.45 -11.61
C ASP A 303 0.66 2.86 -10.46
N SER A 304 1.38 3.69 -9.73
CA SER A 304 2.22 3.21 -8.63
C SER A 304 1.39 2.54 -7.55
N LEU A 305 0.14 2.95 -7.40
CA LEU A 305 -0.78 2.39 -6.41
C LEU A 305 -1.76 1.40 -6.96
N GLY A 306 -1.59 1.02 -8.22
CA GLY A 306 -2.38 -0.08 -8.80
C GLY A 306 -3.61 0.33 -9.59
N TYR A 307 -3.68 1.61 -9.93
CA TYR A 307 -4.82 2.18 -10.65
C TYR A 307 -4.40 2.67 -12.02
N VAL A 308 -5.37 3.11 -12.82
CA VAL A 308 -5.12 3.68 -14.14
C VAL A 308 -5.63 5.13 -14.13
N PRO A 309 -4.80 6.11 -14.49
CA PRO A 309 -5.27 7.48 -14.43
C PRO A 309 -6.38 7.69 -15.50
N LEU A 310 -7.25 8.64 -15.28
CA LEU A 310 -8.27 8.93 -16.28
C LEU A 310 -7.62 9.31 -17.61
N PRO A 311 -8.15 8.79 -18.72
CA PRO A 311 -7.72 9.32 -20.02
C PRO A 311 -8.00 10.83 -20.07
N GLU A 312 -7.21 11.56 -20.85
CA GLU A 312 -7.31 13.01 -20.84
C GLU A 312 -8.75 13.50 -21.13
N SER A 313 -9.44 12.91 -22.09
CA SER A 313 -10.81 13.36 -22.39
C SER A 313 -11.75 13.16 -21.20
N LEU A 314 -11.56 12.06 -20.45
CA LEU A 314 -12.39 11.82 -19.28
C LEU A 314 -12.00 12.74 -18.12
N ARG A 315 -10.71 13.02 -17.96
CA ARG A 315 -10.24 13.98 -16.97
C ARG A 315 -10.90 15.37 -17.18
N GLN A 316 -10.96 15.78 -18.43
CA GLN A 316 -11.62 17.06 -18.78
C GLN A 316 -13.13 16.97 -18.43
N LYS A 317 -13.78 15.86 -18.76
CA LYS A 317 -15.21 15.67 -18.39
C LYS A 317 -15.41 15.70 -16.89
N ALA A 318 -14.48 15.07 -16.14
CA ALA A 318 -14.52 15.12 -14.70
C ALA A 318 -14.41 16.55 -14.16
N LEU A 319 -13.46 17.32 -14.68
CA LEU A 319 -13.27 18.69 -14.24
C LEU A 319 -14.50 19.55 -14.53
N ALA A 320 -15.13 19.32 -15.68
CA ALA A 320 -16.34 20.08 -16.04
C ALA A 320 -17.44 19.75 -15.03
N ALA A 321 -17.60 18.46 -14.68
CA ALA A 321 -18.53 18.04 -13.60
C ALA A 321 -18.23 18.72 -12.28
N VAL A 322 -16.96 18.82 -11.91
CA VAL A 322 -16.56 19.50 -10.70
C VAL A 322 -16.99 20.98 -10.76
N GLU A 323 -16.76 21.61 -11.90
CA GLU A 323 -17.03 23.03 -12.04
C GLU A 323 -18.54 23.30 -12.01
N SER A 324 -19.33 22.29 -12.41
CA SER A 324 -20.80 22.35 -12.37
C SER A 324 -21.40 22.43 -10.96
N LEU A 325 -20.61 22.09 -9.92
CA LEU A 325 -21.08 22.12 -8.54
C LEU A 325 -21.23 23.55 -7.99
N LYS A 326 -22.23 23.76 -7.12
CA LYS A 326 -22.58 25.11 -6.60
C LYS A 326 -22.49 25.13 -5.07
N PRO B 28 13.55 -16.81 -19.42
CA PRO B 28 13.30 -16.08 -18.20
C PRO B 28 14.04 -16.72 -17.02
N PHE B 29 14.61 -15.89 -16.15
CA PHE B 29 15.18 -16.39 -14.90
C PHE B 29 14.21 -16.20 -13.75
N ARG B 30 14.51 -16.90 -12.65
CA ARG B 30 13.80 -16.75 -11.38
C ARG B 30 14.80 -16.43 -10.31
N LEU B 31 14.48 -15.46 -9.46
CA LEU B 31 15.29 -15.18 -8.27
C LEU B 31 14.41 -15.18 -7.05
N ASN B 32 15.02 -15.40 -5.90
CA ASN B 32 14.35 -15.37 -4.61
C ASN B 32 15.17 -14.58 -3.64
N GLY B 33 14.63 -13.47 -3.15
CA GLY B 33 15.26 -12.65 -2.10
C GLY B 33 14.43 -12.66 -0.82
N ALA B 34 15.06 -12.25 0.28
CA ALA B 34 14.33 -12.17 1.54
C ALA B 34 14.93 -11.13 2.45
N GLY B 35 14.09 -10.54 3.28
CA GLY B 35 14.55 -9.68 4.36
C GLY B 35 13.55 -8.61 4.75
N ALA B 36 14.09 -7.40 4.93
CA ALA B 36 13.35 -6.23 5.41
C ALA B 36 11.97 -6.08 4.81
N SER B 37 10.99 -5.89 5.69
CA SER B 37 9.65 -5.47 5.29
C SER B 37 9.54 -3.97 5.09
N PHE B 38 10.43 -3.18 5.67
CA PHE B 38 10.34 -1.71 5.51
C PHE B 38 10.20 -1.29 4.03
N PRO B 39 11.04 -1.83 3.11
CA PRO B 39 10.96 -1.48 1.68
C PRO B 39 10.07 -2.40 0.85
N ALA B 40 9.26 -3.25 1.49
CA ALA B 40 8.58 -4.31 0.74
C ALA B 40 7.56 -3.77 -0.25
N MET B 41 6.89 -2.67 0.09
CA MET B 41 5.95 -2.07 -0.85
C MET B 41 6.67 -1.70 -2.16
N LEU B 42 7.81 -1.03 -2.01
CA LEU B 42 8.59 -0.57 -3.16
C LEU B 42 9.25 -1.74 -3.89
N TYR B 43 9.83 -2.68 -3.16
CA TYR B 43 10.46 -3.84 -3.86
C TYR B 43 9.46 -4.67 -4.63
N SER B 44 8.28 -4.92 -4.04
CA SER B 44 7.25 -5.65 -4.76
C SER B 44 6.83 -4.87 -6.01
N ASN B 45 6.67 -3.55 -5.88
CA ASN B 45 6.32 -2.74 -7.05
C ASN B 45 7.36 -2.90 -8.17
N TRP B 46 8.64 -2.74 -7.83
CA TRP B 46 9.75 -2.90 -8.77
C TRP B 46 9.80 -4.28 -9.39
N PHE B 47 9.65 -5.30 -8.55
CA PHE B 47 9.78 -6.67 -9.05
C PHE B 47 8.62 -7.05 -9.97
N THR B 48 7.43 -6.56 -9.65
CA THR B 48 6.25 -6.77 -10.48
C THR B 48 6.41 -6.09 -11.84
N SER B 49 6.85 -4.83 -11.82
CA SER B 49 7.18 -4.07 -13.04
C SER B 49 8.23 -4.78 -13.88
N PHE B 50 9.27 -5.29 -13.22
CA PHE B 50 10.36 -5.99 -13.89
C PHE B 50 9.86 -7.25 -14.59
N SER B 51 8.95 -7.96 -13.93
CA SER B 51 8.35 -9.17 -14.51
C SER B 51 7.52 -8.83 -15.72
N LYS B 52 6.74 -7.76 -15.63
CA LYS B 52 5.94 -7.32 -16.77
C LYS B 52 6.85 -6.97 -17.96
N ASP B 53 7.94 -6.27 -17.68
CA ASP B 53 8.76 -5.69 -18.74
C ASP B 53 9.70 -6.69 -19.34
N THR B 54 10.10 -7.71 -18.57
CA THR B 54 11.15 -8.64 -19.01
C THR B 54 10.77 -10.11 -19.07
N GLY B 55 9.68 -10.52 -18.42
CA GLY B 55 9.35 -11.94 -18.24
C GLY B 55 10.10 -12.68 -17.12
N ASN B 56 11.10 -12.04 -16.52
CA ASN B 56 11.87 -12.66 -15.44
C ASN B 56 11.07 -12.53 -14.14
N LYS B 57 11.28 -13.45 -13.21
CA LYS B 57 10.47 -13.48 -11.99
C LYS B 57 11.37 -13.31 -10.78
N VAL B 58 11.10 -12.32 -9.95
CA VAL B 58 11.86 -12.08 -8.74
C VAL B 58 10.87 -12.15 -7.59
N ASN B 59 10.99 -13.17 -6.74
CA ASN B 59 10.14 -13.26 -5.57
C ASN B 59 10.89 -12.80 -4.33
N TYR B 60 10.11 -12.28 -3.39
CA TYR B 60 10.67 -11.64 -2.22
C TYR B 60 9.82 -12.01 -1.01
N GLN B 61 10.48 -12.47 0.06
CA GLN B 61 9.82 -12.81 1.33
C GLN B 61 10.16 -11.71 2.31
N ALA B 62 9.15 -10.99 2.79
CA ALA B 62 9.33 -9.94 3.78
C ALA B 62 9.33 -10.54 5.18
N VAL B 63 10.47 -11.08 5.57
CA VAL B 63 10.62 -11.82 6.82
C VAL B 63 11.30 -10.99 7.91
N GLY B 64 11.66 -9.74 7.61
CA GLY B 64 12.37 -8.88 8.54
C GLY B 64 13.87 -8.94 8.30
N SER B 65 14.56 -7.85 8.66
CA SER B 65 16.00 -7.72 8.48
C SER B 65 16.80 -8.79 9.21
N GLY B 66 16.33 -9.19 10.40
CA GLY B 66 17.03 -10.26 11.15
C GLY B 66 17.12 -11.55 10.37
N ALA B 67 15.97 -11.99 9.90
CA ALA B 67 15.87 -13.23 9.12
C ALA B 67 16.55 -13.10 7.78
N GLY B 68 16.49 -11.89 7.21
CA GLY B 68 17.16 -11.57 5.96
C GLY B 68 18.66 -11.80 6.02
N VAL B 69 19.25 -11.24 7.05
CA VAL B 69 20.70 -11.41 7.21
C VAL B 69 21.02 -12.89 7.50
N ARG B 70 20.19 -13.52 8.32
CA ARG B 70 20.38 -14.97 8.60
C ARG B 70 20.36 -15.83 7.34
N GLN B 71 19.35 -15.63 6.51
CA GLN B 71 19.25 -16.43 5.29
C GLN B 71 20.39 -16.09 4.28
N PHE B 72 20.81 -14.83 4.23
CA PHE B 72 21.93 -14.44 3.39
C PHE B 72 23.18 -15.20 3.84
N LYS B 73 23.43 -15.20 5.14
CA LYS B 73 24.60 -15.94 5.67
C LYS B 73 24.51 -17.44 5.42
N ALA B 74 23.32 -18.01 5.51
CA ALA B 74 23.11 -19.44 5.24
C ALA B 74 23.07 -19.79 3.76
N LYS B 75 23.10 -18.78 2.89
CA LYS B 75 23.10 -18.94 1.44
C LYS B 75 21.87 -19.66 0.93
N THR B 76 20.71 -19.30 1.46
CA THR B 76 19.44 -19.90 1.06
C THR B 76 18.60 -18.94 0.24
N VAL B 77 19.17 -17.77 -0.11
CA VAL B 77 18.52 -16.80 -0.99
C VAL B 77 19.53 -16.34 -2.05
N ASP B 78 19.05 -15.69 -3.11
CA ASP B 78 19.90 -15.08 -4.14
C ASP B 78 20.38 -13.69 -3.72
N PHE B 79 19.64 -13.06 -2.81
CA PHE B 79 20.01 -11.77 -2.21
C PHE B 79 19.21 -11.57 -0.93
N GLY B 80 19.78 -10.80 -0.02
CA GLY B 80 19.15 -10.45 1.24
C GLY B 80 18.78 -8.99 1.27
N ALA B 81 18.14 -8.57 2.34
CA ALA B 81 17.77 -7.18 2.50
C ALA B 81 17.70 -6.82 3.97
N SER B 82 18.28 -5.67 4.32
CA SER B 82 18.28 -5.19 5.69
C SER B 82 18.23 -3.69 5.75
N ASP B 83 17.47 -3.15 6.70
CA ASP B 83 17.53 -1.70 6.99
C ASP B 83 18.62 -1.38 8.00
N GLY B 84 19.23 -2.41 8.62
CA GLY B 84 20.41 -2.22 9.50
C GLY B 84 21.63 -2.75 8.77
N ALA B 85 22.62 -1.91 8.56
CA ALA B 85 23.80 -2.33 7.82
C ALA B 85 24.56 -3.36 8.67
N VAL B 86 25.26 -4.25 8.02
CA VAL B 86 25.88 -5.39 8.69
C VAL B 86 27.32 -5.00 8.92
N LYS B 87 27.73 -4.89 10.17
CA LYS B 87 29.13 -4.54 10.47
C LYS B 87 30.10 -5.64 9.99
N ASP B 88 31.37 -5.28 9.83
CA ASP B 88 32.39 -6.19 9.25
C ASP B 88 32.42 -7.54 9.96
N SER B 89 32.37 -7.52 11.28
CA SER B 89 32.52 -8.74 12.07
C SER B 89 31.35 -9.72 11.96
N LYS B 90 30.19 -9.24 11.48
CA LYS B 90 29.04 -10.09 11.25
C LYS B 90 28.89 -10.50 9.78
N GLN B 91 29.79 -10.07 8.90
CA GLN B 91 29.69 -10.45 7.47
C GLN B 91 30.23 -11.85 7.28
N PRO B 92 29.65 -12.64 6.36
CA PRO B 92 30.25 -13.95 6.07
C PRO B 92 31.68 -13.80 5.54
N ALA B 93 32.47 -14.86 5.69
CA ALA B 93 33.87 -14.90 5.25
C ALA B 93 34.00 -14.57 3.75
N GLU B 94 33.06 -15.13 2.98
CA GLU B 94 33.00 -14.94 1.52
C GLU B 94 32.59 -13.52 1.08
N GLY B 95 32.26 -12.63 2.03
CA GLY B 95 32.05 -11.19 1.76
C GLY B 95 30.60 -10.84 1.56
N MET B 96 30.31 -9.55 1.59
CA MET B 96 28.96 -9.07 1.27
C MET B 96 29.02 -7.66 0.72
N VAL B 97 28.12 -7.35 -0.22
CA VAL B 97 28.04 -6.02 -0.83
C VAL B 97 26.68 -5.42 -0.43
N HIS B 98 26.73 -4.23 0.15
CA HIS B 98 25.56 -3.45 0.49
C HIS B 98 25.19 -2.55 -0.68
N ILE B 99 23.97 -2.69 -1.19
CA ILE B 99 23.50 -1.82 -2.28
C ILE B 99 22.33 -1.01 -1.73
N PRO B 100 22.53 0.30 -1.48
CA PRO B 100 21.40 1.04 -0.94
C PRO B 100 20.34 1.21 -2.04
N MET B 101 19.08 1.01 -1.69
CA MET B 101 17.98 1.04 -2.68
C MET B 101 17.05 2.23 -2.54
N THR B 102 16.80 2.61 -1.30
CA THR B 102 15.89 3.69 -0.97
C THR B 102 16.18 4.12 0.45
N GLY B 103 15.47 5.16 0.87
CA GLY B 103 15.41 5.54 2.29
C GLY B 103 14.01 5.99 2.62
N GLY B 104 13.74 6.17 3.91
CA GLY B 104 12.45 6.69 4.31
C GLY B 104 12.29 6.99 5.76
N ALA B 105 11.21 7.69 6.10
CA ALA B 105 10.82 7.93 7.46
C ALA B 105 10.22 6.69 8.09
N ILE B 106 10.46 6.53 9.37
CA ILE B 106 9.76 5.56 10.22
C ILE B 106 8.90 6.41 11.12
N VAL B 107 7.59 6.27 11.03
CA VAL B 107 6.69 7.21 11.71
C VAL B 107 5.93 6.49 12.81
N PRO B 108 5.63 7.21 13.91
CA PRO B 108 4.71 6.67 14.94
C PRO B 108 3.22 6.72 14.54
N ALA B 109 2.81 5.78 13.73
CA ALA B 109 1.48 5.76 13.17
C ALA B 109 0.46 5.49 14.25
N TYR B 110 -0.71 6.12 14.15
CA TYR B 110 -1.73 5.96 15.20
C TYR B 110 -3.14 5.99 14.64
N ASN B 111 -4.04 5.38 15.41
CA ASN B 111 -5.43 5.20 15.07
C ASN B 111 -6.21 5.87 16.20
N ASN B 112 -6.53 7.16 15.98
CA ASN B 112 -7.36 7.90 16.93
C ASN B 112 -8.03 9.05 16.19
N PRO B 113 -9.10 8.74 15.44
CA PRO B 113 -9.75 9.76 14.59
C PRO B 113 -10.16 11.00 15.39
N GLY B 114 -9.81 12.18 14.89
CA GLY B 114 -10.15 13.43 15.51
C GLY B 114 -9.06 13.98 16.41
N CYS B 115 -8.05 13.16 16.69
CA CYS B 115 -6.91 13.58 17.50
C CYS B 115 -5.81 14.06 16.56
N ASP B 116 -5.37 15.30 16.71
CA ASP B 116 -4.17 15.78 16.01
C ASP B 116 -2.99 15.70 16.96
N LEU B 117 -2.23 14.63 16.86
CA LEU B 117 -1.20 14.33 17.85
C LEU B 117 0.07 15.15 17.59
N LYS B 118 0.53 15.85 18.65
CA LYS B 118 1.79 16.59 18.65
C LYS B 118 2.65 16.09 19.81
N MET B 119 3.88 15.74 19.54
CA MET B 119 4.74 15.07 20.52
C MET B 119 6.12 15.62 20.51
N THR B 120 6.66 15.88 21.71
CA THR B 120 8.09 16.09 21.85
C THR B 120 8.79 14.74 21.78
N GLN B 121 10.09 14.79 21.60
CA GLN B 121 10.96 13.62 21.66
C GLN B 121 10.81 12.86 22.97
N THR B 122 10.78 13.61 24.08
CA THR B 122 10.61 13.00 25.40
C THR B 122 9.25 12.35 25.52
N GLU B 123 8.23 13.00 24.98
CA GLU B 123 6.87 12.44 25.06
C GLU B 123 6.76 11.13 24.28
N LEU B 124 7.38 11.05 23.09
CA LEU B 124 7.33 9.80 22.31
C LEU B 124 8.00 8.65 23.05
N ALA B 125 9.17 8.90 23.63
CA ALA B 125 9.85 7.89 24.39
C ALA B 125 9.03 7.50 25.61
N ASP B 126 8.45 8.51 26.28
CA ASP B 126 7.60 8.26 27.46
C ASP B 126 6.35 7.44 27.15
N VAL B 127 5.77 7.62 25.96
CA VAL B 127 4.66 6.79 25.53
C VAL B 127 5.12 5.31 25.43
N PHE B 128 6.26 5.07 24.77
CA PHE B 128 6.72 3.69 24.59
C PHE B 128 7.31 3.09 25.89
N LEU B 129 7.69 3.95 26.83
CA LEU B 129 8.08 3.48 28.17
C LEU B 129 6.88 3.13 29.02
N GLY B 130 5.68 3.56 28.63
CA GLY B 130 4.50 3.35 29.45
C GLY B 130 4.28 4.43 30.49
N LYS B 131 5.09 5.48 30.44
CA LYS B 131 4.99 6.58 31.41
C LYS B 131 3.87 7.54 31.07
N ILE B 132 3.58 7.73 29.79
CA ILE B 132 2.40 8.44 29.34
C ILE B 132 1.49 7.38 28.75
N ASP B 133 0.29 7.23 29.31
CA ASP B 133 -0.62 6.23 28.82
C ASP B 133 -2.05 6.70 28.59
N GLN B 134 -2.29 8.02 28.63
CA GLN B 134 -3.61 8.60 28.45
C GLN B 134 -3.59 9.54 27.27
N TRP B 135 -4.55 9.37 26.36
CA TRP B 135 -4.69 10.28 25.24
C TRP B 135 -4.95 11.70 25.73
N SER B 136 -5.63 11.84 26.88
CA SER B 136 -5.89 13.17 27.48
C SER B 136 -4.61 13.98 27.70
N HIS B 137 -3.48 13.32 27.93
CA HIS B 137 -2.19 14.02 28.04
C HIS B 137 -1.90 14.94 26.84
N PHE B 138 -2.32 14.50 25.66
CA PHE B 138 -2.10 15.22 24.41
C PHE B 138 -3.31 16.04 24.00
N GLY B 139 -4.29 16.21 24.91
CA GLY B 139 -5.49 16.99 24.62
C GLY B 139 -6.52 16.27 23.78
N CYS B 140 -6.42 14.93 23.70
CA CYS B 140 -7.25 14.14 22.80
C CYS B 140 -8.18 13.25 23.59
N GLU B 141 -9.29 12.92 22.94
CA GLU B 141 -10.20 11.88 23.40
C GLU B 141 -9.53 10.57 23.12
N GLY B 142 -10.05 9.48 23.69
CA GLY B 142 -9.63 8.13 23.28
C GLY B 142 -9.23 7.13 24.37
N GLY B 143 -9.09 7.60 25.60
CA GLY B 143 -8.87 6.69 26.72
C GLY B 143 -7.41 6.34 26.91
N VAL B 144 -7.10 5.06 26.96
CA VAL B 144 -5.75 4.61 27.17
C VAL B 144 -5.05 4.48 25.81
N ILE B 145 -3.76 4.76 25.80
CA ILE B 145 -2.90 4.60 24.62
C ILE B 145 -2.47 3.13 24.58
N LYS B 146 -2.79 2.43 23.50
CA LYS B 146 -2.38 1.04 23.33
C LYS B 146 -1.18 0.99 22.38
N THR B 147 -0.02 0.60 22.86
CA THR B 147 1.18 0.63 22.01
C THR B 147 1.37 -0.73 21.31
N VAL B 148 1.90 -0.66 20.09
CA VAL B 148 2.15 -1.83 19.26
C VAL B 148 3.59 -1.74 18.79
N HIS B 149 4.32 -2.85 18.82
CA HIS B 149 5.71 -2.92 18.40
C HIS B 149 5.94 -4.22 17.64
N ARG B 150 7.14 -4.42 17.09
CA ARG B 150 7.42 -5.60 16.31
C ARG B 150 7.71 -6.81 17.18
N SER B 151 7.26 -7.99 16.76
CA SER B 151 7.60 -9.25 17.48
C SER B 151 8.84 -9.92 16.89
N ASP B 152 9.14 -9.61 15.63
CA ASP B 152 10.22 -10.21 14.88
C ASP B 152 11.42 -9.29 14.84
N GLY B 153 12.60 -9.86 14.58
CA GLY B 153 13.85 -9.10 14.48
C GLY B 153 13.80 -8.17 13.26
N SER B 154 13.98 -6.89 13.53
CA SER B 154 13.54 -5.83 12.66
C SER B 154 14.49 -4.65 12.53
N GLY B 155 14.79 -4.27 11.29
CA GLY B 155 15.54 -3.04 11.04
C GLY B 155 14.73 -1.77 11.31
N THR B 156 13.41 -1.86 11.15
CA THR B 156 12.53 -0.75 11.53
C THR B 156 12.60 -0.53 13.06
N THR B 157 12.49 -1.61 13.80
CA THR B 157 12.73 -1.54 15.28
C THR B 157 14.10 -0.94 15.58
N LYS B 158 15.12 -1.40 14.88
CA LYS B 158 16.48 -0.86 15.10
C LYS B 158 16.53 0.64 14.90
N GLY B 159 15.95 1.15 13.80
CA GLY B 159 15.94 2.61 13.60
C GLY B 159 15.10 3.36 14.60
N PHE B 160 13.91 2.85 14.89
CA PHE B 160 13.01 3.50 15.80
C PHE B 160 13.62 3.56 17.21
N THR B 161 14.17 2.44 17.66
CA THR B 161 14.87 2.41 18.99
C THR B 161 16.17 3.20 19.03
N ASN B 162 16.86 3.29 17.88
CA ASN B 162 18.04 4.12 17.73
C ASN B 162 17.66 5.58 18.04
N SER B 163 16.56 6.02 17.46
CA SER B 163 16.06 7.35 17.70
C SER B 163 15.57 7.52 19.12
N LEU B 164 14.77 6.58 19.64
CA LEU B 164 14.28 6.73 21.03
C LEU B 164 15.46 6.80 22.03
N SER B 165 16.50 6.04 21.75
CA SER B 165 17.74 6.10 22.54
C SER B 165 18.39 7.48 22.48
N ALA B 166 18.44 8.09 21.29
CA ALA B 166 18.94 9.47 21.17
C ALA B 166 17.98 10.49 21.81
N PHE B 167 16.68 10.21 21.78
CA PHE B 167 15.68 11.11 22.33
C PHE B 167 15.66 11.12 23.88
N SER B 168 15.96 9.98 24.48
CA SER B 168 15.68 9.76 25.91
C SER B 168 16.78 8.94 26.59
N PRO B 169 17.52 9.58 27.51
CA PRO B 169 18.49 8.78 28.25
C PRO B 169 17.85 7.62 29.03
N GLU B 170 16.63 7.79 29.50
CA GLU B 170 15.92 6.70 30.18
C GLU B 170 15.69 5.53 29.19
N TRP B 171 15.24 5.84 27.97
CA TRP B 171 15.09 4.80 26.95
C TRP B 171 16.42 4.09 26.68
N LYS B 172 17.46 4.87 26.44
CA LYS B 172 18.79 4.35 26.12
C LYS B 172 19.26 3.37 27.20
N LYS B 173 19.10 3.76 28.45
CA LYS B 173 19.55 2.95 29.59
C LYS B 173 18.69 1.70 29.84
N THR B 174 17.35 1.82 29.75
CA THR B 174 16.44 0.74 30.19
C THR B 174 15.95 -0.21 29.09
N VAL B 175 15.98 0.26 27.83
CA VAL B 175 15.56 -0.54 26.66
C VAL B 175 16.64 -0.62 25.59
N GLY B 176 17.20 0.53 25.22
CA GLY B 176 18.26 0.57 24.23
C GLY B 176 17.77 0.40 22.79
N THR B 177 18.69 -0.03 21.94
CA THR B 177 18.44 -0.19 20.52
C THR B 177 18.95 -1.52 20.01
N GLY B 178 18.21 -2.13 19.10
CA GLY B 178 18.56 -3.42 18.55
C GLY B 178 17.52 -3.84 17.55
N LYS B 179 17.80 -4.89 16.77
CA LYS B 179 16.78 -5.48 15.92
C LYS B 179 15.61 -6.00 16.77
N SER B 180 15.91 -6.42 18.00
CA SER B 180 14.89 -6.74 18.99
C SER B 180 15.26 -6.12 20.32
N VAL B 181 14.25 -5.66 21.05
CA VAL B 181 14.41 -5.11 22.40
C VAL B 181 13.33 -5.66 23.33
N GLN B 182 13.54 -5.48 24.64
CA GLN B 182 12.51 -5.79 25.64
C GLN B 182 11.63 -4.58 25.87
N TRP B 183 10.41 -4.64 25.35
CA TRP B 183 9.46 -3.55 25.44
C TRP B 183 8.82 -3.59 26.81
N PRO B 184 8.72 -2.43 27.50
CA PRO B 184 8.09 -2.40 28.81
C PRO B 184 6.59 -2.75 28.86
N VAL B 185 5.86 -2.45 27.77
CA VAL B 185 4.42 -2.59 27.72
C VAL B 185 4.00 -2.67 26.23
N GLY B 186 2.82 -3.18 25.95
CA GLY B 186 2.28 -3.20 24.60
C GLY B 186 2.28 -4.58 23.96
N VAL B 187 1.76 -4.66 22.73
CA VAL B 187 1.60 -5.94 22.05
C VAL B 187 2.48 -5.98 20.80
N GLY B 188 2.72 -7.19 20.31
CA GLY B 188 3.60 -7.40 19.18
C GLY B 188 2.80 -7.54 17.90
N GLY B 189 3.42 -7.21 16.76
CA GLY B 189 2.88 -7.49 15.42
C GLY B 189 4.06 -7.95 14.58
N LYS B 190 3.77 -8.82 13.59
CA LYS B 190 4.80 -9.43 12.78
C LYS B 190 4.97 -8.62 11.49
N GLY B 191 6.15 -8.09 11.27
CA GLY B 191 6.44 -7.27 10.10
C GLY B 191 5.83 -5.88 10.21
N ASN B 192 6.25 -4.97 9.33
CA ASN B 192 5.50 -3.70 9.20
C ASN B 192 4.02 -3.93 8.90
N SER B 193 3.69 -4.97 8.11
CA SER B 193 2.28 -5.23 7.79
C SER B 193 1.50 -5.61 9.03
N GLY B 194 2.12 -6.35 9.93
CA GLY B 194 1.43 -6.79 11.14
C GLY B 194 1.26 -5.66 12.13
N VAL B 195 2.25 -4.81 12.25
CA VAL B 195 2.12 -3.63 13.12
C VAL B 195 1.04 -2.68 12.58
N ALA B 196 1.08 -2.37 11.30
CA ALA B 196 0.01 -1.56 10.69
C ALA B 196 -1.38 -2.15 10.91
N ALA B 197 -1.51 -3.46 10.72
CA ALA B 197 -2.80 -4.13 10.97
C ALA B 197 -3.24 -3.99 12.42
N GLY B 198 -2.31 -4.23 13.33
CA GLY B 198 -2.58 -4.09 14.76
C GLY B 198 -3.05 -2.68 15.11
N ILE B 199 -2.40 -1.67 14.54
CA ILE B 199 -2.81 -0.30 14.79
C ILE B 199 -4.23 -0.09 14.22
N LYS B 200 -4.44 -0.49 12.98
CA LYS B 200 -5.76 -0.32 12.35
C LYS B 200 -6.86 -1.01 13.12
N LEU B 201 -6.57 -2.17 13.71
CA LEU B 201 -7.60 -2.97 14.40
C LEU B 201 -7.84 -2.54 15.83
N THR B 202 -7.03 -1.62 16.36
CA THR B 202 -7.03 -1.30 17.77
C THR B 202 -7.32 0.18 17.93
N PRO B 203 -8.55 0.56 18.29
CA PRO B 203 -8.84 1.99 18.47
C PRO B 203 -8.00 2.56 19.58
N GLY B 204 -7.50 3.78 19.37
CA GLY B 204 -6.60 4.44 20.33
C GLY B 204 -5.22 3.85 20.48
N SER B 205 -4.66 3.33 19.38
CA SER B 205 -3.36 2.67 19.38
C SER B 205 -2.31 3.49 18.61
N ILE B 206 -1.05 3.18 18.89
CA ILE B 206 0.12 3.78 18.26
C ILE B 206 1.22 2.74 18.12
N GLY B 207 1.95 2.80 17.01
CA GLY B 207 3.05 1.90 16.76
C GLY B 207 4.07 2.63 15.92
N TYR B 208 4.87 1.90 15.18
CA TYR B 208 5.87 2.51 14.26
C TYR B 208 5.93 1.67 12.98
N VAL B 209 5.88 2.36 11.84
CA VAL B 209 5.88 1.71 10.53
C VAL B 209 6.57 2.58 9.49
N ASN B 210 6.94 1.99 8.36
CA ASN B 210 7.36 2.81 7.21
C ASN B 210 6.17 3.69 6.79
N TYR B 211 6.49 4.88 6.31
CA TYR B 211 5.54 5.95 6.11
C TYR B 211 4.42 5.62 5.09
N GLY B 212 4.71 4.79 4.10
CA GLY B 212 3.70 4.35 3.14
C GLY B 212 2.42 3.81 3.80
N TYR B 213 2.57 3.16 4.94
CA TYR B 213 1.42 2.65 5.69
C TYR B 213 0.47 3.72 6.22
N VAL B 214 0.98 4.94 6.38
CA VAL B 214 0.21 6.10 6.80
C VAL B 214 -0.21 6.95 5.58
N GLN B 215 0.73 7.25 4.71
CA GLN B 215 0.45 8.13 3.59
C GLN B 215 -0.70 7.61 2.76
N ASN B 216 -0.72 6.31 2.53
CA ASN B 216 -1.65 5.70 1.60
C ASN B 216 -2.74 4.88 2.28
N ASP B 217 -3.06 5.20 3.53
CA ASP B 217 -4.17 4.56 4.24
C ASP B 217 -4.91 5.66 4.95
N PRO B 218 -6.19 5.86 4.60
CA PRO B 218 -6.90 6.98 5.21
C PRO B 218 -7.25 6.76 6.69
N ALA B 219 -7.02 5.57 7.21
CA ALA B 219 -7.35 5.26 8.60
C ALA B 219 -6.22 5.52 9.59
N LEU B 220 -5.01 5.77 9.11
CA LEU B 220 -3.85 5.99 9.97
C LEU B 220 -3.28 7.38 9.77
N GLU B 221 -2.78 7.96 10.85
CA GLU B 221 -2.19 9.28 10.84
C GLU B 221 -0.85 9.20 11.50
N GLN B 222 -0.10 10.30 11.39
CA GLN B 222 1.18 10.45 12.06
C GLN B 222 1.21 11.73 12.88
N PRO B 223 2.02 11.74 13.94
CA PRO B 223 2.09 12.95 14.76
C PRO B 223 3.00 14.00 14.15
N ALA B 224 2.79 15.25 14.59
CA ALA B 224 3.81 16.27 14.41
C ALA B 224 4.82 15.98 15.51
N LEU B 225 6.04 15.63 15.11
CA LEU B 225 7.04 15.11 16.01
C LEU B 225 8.22 16.08 16.09
N GLN B 226 8.64 16.39 17.31
CA GLN B 226 9.76 17.30 17.50
C GLN B 226 11.09 16.75 16.94
N ASN B 227 11.82 17.54 16.16
CA ASN B 227 13.16 17.15 15.73
C ASN B 227 14.25 17.73 16.66
N LYS B 228 15.50 17.40 16.39
CA LYS B 228 16.64 17.89 17.18
C LYS B 228 16.70 19.41 17.21
N ALA B 229 16.37 20.05 16.09
CA ALA B 229 16.31 21.51 16.01
C ALA B 229 15.17 22.14 16.81
N GLY B 230 14.17 21.38 17.26
CA GLY B 230 13.04 21.89 18.04
C GLY B 230 11.76 22.15 17.28
N ASN B 231 11.74 21.85 15.98
CA ASN B 231 10.55 22.05 15.18
C ASN B 231 9.72 20.76 15.14
N PHE B 232 8.41 20.93 15.14
CA PHE B 232 7.49 19.80 15.12
C PHE B 232 7.14 19.52 13.66
N VAL B 233 7.55 18.35 13.17
CA VAL B 233 7.44 18.03 11.76
C VAL B 233 6.73 16.71 11.51
N LYS B 234 6.13 16.62 10.33
CA LYS B 234 5.56 15.37 9.85
C LYS B 234 6.45 14.86 8.75
N ALA B 235 6.45 13.55 8.56
CA ALA B 235 7.16 12.94 7.44
C ALA B 235 6.57 13.37 6.09
N SER B 236 7.46 13.76 5.18
CA SER B 236 7.12 14.18 3.82
C SER B 236 8.38 14.02 2.98
N ALA B 237 8.26 14.14 1.65
CA ALA B 237 9.45 14.22 0.83
C ALA B 237 10.49 15.21 1.37
N GLU B 238 10.05 16.41 1.74
CA GLU B 238 10.95 17.45 2.20
C GLU B 238 11.67 17.07 3.50
N THR B 239 10.90 16.65 4.50
CA THR B 239 11.47 16.40 5.82
C THR B 239 12.27 15.09 5.89
N ALA B 240 11.78 14.03 5.24
CA ALA B 240 12.51 12.77 5.26
C ALA B 240 13.82 12.91 4.46
N SER B 241 13.80 13.63 3.33
CA SER B 241 15.06 13.81 2.58
C SER B 241 16.02 14.69 3.37
N ALA B 242 15.48 15.69 4.10
CA ALA B 242 16.36 16.55 4.91
C ALA B 242 17.06 15.71 5.98
N GLY B 243 16.32 14.81 6.62
CA GLY B 243 16.92 13.94 7.63
C GLY B 243 17.90 12.93 7.04
N LEU B 244 17.49 12.25 5.98
CA LEU B 244 18.36 11.28 5.34
C LEU B 244 19.64 11.89 4.81
N GLY B 245 19.58 13.15 4.36
CA GLY B 245 20.74 13.84 3.79
C GLY B 245 21.87 14.11 4.78
N GLU B 246 21.56 14.01 6.07
CA GLU B 246 22.57 14.16 7.12
C GLU B 246 23.41 12.89 7.30
N ILE B 247 22.96 11.75 6.79
CA ILE B 247 23.70 10.49 6.99
C ILE B 247 25.03 10.54 6.26
N VAL B 248 26.10 10.19 6.99
CA VAL B 248 27.42 10.04 6.41
C VAL B 248 27.66 8.56 6.15
N LEU B 249 28.05 8.25 4.93
CA LEU B 249 28.26 6.88 4.53
C LEU B 249 29.72 6.51 4.55
N ASP B 250 29.99 5.25 4.89
CA ASP B 250 31.34 4.71 4.82
C ASP B 250 31.62 4.16 3.42
N ASP B 251 32.79 3.54 3.26
CA ASP B 251 33.21 3.07 1.96
C ASP B 251 32.52 1.78 1.54
N GLN B 252 31.67 1.20 2.41
CA GLN B 252 30.74 0.14 1.99
C GLN B 252 29.28 0.63 1.83
N LEU B 253 29.11 1.94 1.82
CA LEU B 253 27.80 2.61 1.66
C LEU B 253 26.88 2.42 2.86
N ARG B 254 27.46 2.15 4.03
CA ARG B 254 26.69 1.96 5.24
C ARG B 254 26.67 3.26 6.05
N GLY B 255 25.54 3.55 6.67
CA GLY B 255 25.47 4.66 7.62
C GLY B 255 24.09 4.89 8.17
N ALA B 256 24.03 5.64 9.27
CA ALA B 256 22.78 5.95 9.93
C ALA B 256 22.91 7.23 10.73
N ASP B 257 21.78 7.85 11.02
CA ASP B 257 21.74 9.00 11.92
C ASP B 257 20.43 8.92 12.68
N ALA B 258 20.56 8.71 13.98
CA ALA B 258 19.41 8.49 14.87
C ALA B 258 18.55 9.72 15.16
N ASN B 259 19.06 10.93 14.89
CA ASN B 259 18.37 12.17 15.29
C ASN B 259 18.95 13.37 14.53
N PRO B 260 18.71 13.41 13.21
CA PRO B 260 19.49 14.30 12.34
C PRO B 260 19.26 15.76 12.62
N ALA B 261 20.32 16.54 12.46
CA ALA B 261 20.25 17.99 12.58
C ALA B 261 19.55 18.59 11.37
N GLY B 262 19.12 19.82 11.53
CA GLY B 262 18.53 20.59 10.45
C GLY B 262 17.12 20.99 10.82
N ALA B 263 16.78 22.24 10.50
CA ALA B 263 15.50 22.80 10.92
C ALA B 263 14.31 21.97 10.45
N ASN B 264 14.43 21.38 9.28
CA ASN B 264 13.31 20.70 8.69
C ASN B 264 13.50 19.17 8.59
N ALA B 265 14.42 18.63 9.34
CA ALA B 265 14.68 17.18 9.30
C ALA B 265 13.58 16.39 10.01
N TYR B 266 13.07 15.35 9.36
CA TYR B 266 12.27 14.36 10.08
C TYR B 266 13.23 13.55 10.97
N PRO B 267 12.90 13.35 12.26
CA PRO B 267 13.90 12.81 13.18
C PRO B 267 14.19 11.31 13.13
N ILE B 268 13.28 10.50 12.55
CA ILE B 268 13.42 9.04 12.50
C ILE B 268 13.41 8.60 11.04
N VAL B 269 14.59 8.38 10.50
CA VAL B 269 14.79 8.06 9.10
C VAL B 269 15.82 6.96 8.97
N SER B 270 15.69 6.13 7.93
CA SER B 270 16.61 5.03 7.67
C SER B 270 16.83 4.83 6.20
N LEU B 271 18.07 4.49 5.85
CA LEU B 271 18.35 3.87 4.56
C LEU B 271 18.00 2.40 4.65
N THR B 272 17.99 1.74 3.49
CA THR B 272 17.82 0.29 3.45
C THR B 272 18.60 -0.29 2.29
N TRP B 273 19.14 -1.50 2.48
CA TRP B 273 20.10 -2.10 1.57
C TRP B 273 19.67 -3.46 1.11
N ILE B 274 19.96 -3.77 -0.16
CA ILE B 274 20.00 -5.14 -0.65
C ILE B 274 21.41 -5.66 -0.42
N LEU B 275 21.48 -6.92 -0.01
CA LEU B 275 22.73 -7.57 0.37
C LEU B 275 23.00 -8.59 -0.73
N ALA B 276 24.15 -8.45 -1.38
CA ALA B 276 24.51 -9.26 -2.50
C ALA B 276 25.82 -10.00 -2.22
N TYR B 277 25.92 -11.21 -2.75
CA TYR B 277 27.19 -11.97 -2.69
C TYR B 277 28.15 -11.33 -3.68
N PRO B 278 29.41 -11.10 -3.29
CA PRO B 278 30.40 -10.55 -4.26
C PRO B 278 30.58 -11.38 -5.52
N GLU B 279 30.51 -12.70 -5.39
CA GLU B 279 30.71 -13.62 -6.50
C GLU B 279 29.69 -14.74 -6.38
N TYR B 280 28.90 -14.95 -7.41
CA TYR B 280 27.78 -15.85 -7.32
C TYR B 280 27.29 -16.15 -8.74
N GLU B 281 26.97 -17.42 -9.01
CA GLU B 281 26.62 -17.87 -10.36
C GLU B 281 25.34 -17.24 -10.94
N LYS B 282 24.44 -16.75 -10.08
CA LYS B 282 23.24 -16.04 -10.54
C LYS B 282 23.35 -14.50 -10.45
N ASN B 283 24.55 -13.96 -10.24
CA ASN B 283 24.69 -12.49 -10.12
C ASN B 283 24.38 -11.74 -11.40
N GLU B 284 24.47 -12.34 -12.59
CA GLU B 284 24.04 -11.58 -13.78
C GLU B 284 22.55 -11.25 -13.71
N ALA B 285 21.76 -12.19 -13.20
CA ALA B 285 20.33 -11.96 -12.94
C ALA B 285 20.10 -10.93 -11.86
N VAL B 286 20.82 -11.08 -10.75
CA VAL B 286 20.70 -10.13 -9.63
C VAL B 286 21.06 -8.72 -10.11
N LYS B 287 22.15 -8.60 -10.88
CA LYS B 287 22.55 -7.29 -11.41
C LYS B 287 21.47 -6.70 -12.30
N GLU B 288 20.86 -7.51 -13.14
CA GLU B 288 19.80 -7.00 -14.01
C GLU B 288 18.63 -6.39 -13.23
N VAL B 289 18.13 -7.09 -12.22
CA VAL B 289 17.01 -6.52 -11.46
C VAL B 289 17.42 -5.30 -10.64
N LEU B 290 18.62 -5.26 -10.09
CA LEU B 290 19.06 -4.10 -9.33
C LEU B 290 19.26 -2.88 -10.23
N ARG B 291 19.88 -3.04 -11.39
CA ARG B 291 19.93 -1.93 -12.36
C ARG B 291 18.54 -1.39 -12.69
N TYR B 292 17.57 -2.28 -12.89
CA TYR B 292 16.19 -1.84 -13.20
C TYR B 292 15.60 -0.98 -12.07
N ALA B 293 15.81 -1.44 -10.84
CA ALA B 293 15.30 -0.75 -9.64
C ALA B 293 15.98 0.60 -9.43
N LEU B 294 17.21 0.74 -9.94
CA LEU B 294 17.99 1.97 -9.79
C LEU B 294 17.87 2.93 -10.96
N THR B 295 17.04 2.61 -11.97
CA THR B 295 16.76 3.57 -13.03
C THR B 295 16.01 4.79 -12.46
N PRO B 296 16.21 5.94 -13.07
CA PRO B 296 15.43 7.10 -12.60
C PRO B 296 13.92 6.85 -12.68
N THR B 297 13.44 6.11 -13.69
CA THR B 297 12.01 5.86 -13.81
C THR B 297 11.49 5.09 -12.60
N GLN B 298 12.16 3.98 -12.26
CA GLN B 298 11.73 3.15 -11.13
C GLN B 298 11.92 3.84 -9.78
N GLN B 299 13.01 4.56 -9.65
CA GLN B 299 13.29 5.35 -8.45
C GLN B 299 12.18 6.38 -8.21
N GLY B 300 11.59 6.86 -9.31
CA GLY B 300 10.51 7.81 -9.26
C GLY B 300 9.25 7.36 -8.53
N LYS B 301 9.10 6.09 -8.32
CA LYS B 301 7.97 5.54 -7.57
C LYS B 301 8.08 5.63 -6.05
N ALA B 302 9.29 5.92 -5.58
CA ALA B 302 9.57 5.91 -4.16
C ALA B 302 8.60 6.80 -3.40
N ASP B 303 8.44 8.05 -3.84
CA ASP B 303 7.63 9.02 -3.11
C ASP B 303 6.17 8.59 -2.92
N SER B 304 5.56 8.05 -3.98
CA SER B 304 4.19 7.60 -3.92
C SER B 304 3.93 6.53 -2.90
N LEU B 305 4.96 5.74 -2.63
CA LEU B 305 4.90 4.65 -1.69
C LEU B 305 5.48 4.99 -0.30
N GLY B 306 5.76 6.27 -0.06
CA GLY B 306 6.19 6.78 1.23
C GLY B 306 7.69 6.72 1.51
N TYR B 307 8.49 6.60 0.47
CA TYR B 307 9.93 6.60 0.58
C TYR B 307 10.53 7.83 -0.10
N VAL B 308 11.85 7.89 -0.07
CA VAL B 308 12.62 8.93 -0.67
C VAL B 308 13.59 8.31 -1.68
N PRO B 309 13.56 8.76 -2.94
CA PRO B 309 14.52 8.18 -3.87
C PRO B 309 15.95 8.51 -3.47
N LEU B 310 16.87 7.67 -3.89
CA LEU B 310 18.28 7.91 -3.61
C LEU B 310 18.67 9.24 -4.29
N PRO B 311 19.39 10.11 -3.57
CA PRO B 311 20.07 11.24 -4.24
C PRO B 311 20.91 10.74 -5.41
N GLU B 312 21.00 11.55 -6.47
CA GLU B 312 21.68 11.12 -7.68
C GLU B 312 23.07 10.55 -7.44
N SER B 313 23.84 11.22 -6.61
CA SER B 313 25.19 10.74 -6.28
C SER B 313 25.19 9.34 -5.69
N LEU B 314 24.27 9.10 -4.76
CA LEU B 314 24.16 7.79 -4.11
C LEU B 314 23.60 6.73 -5.05
N ARG B 315 22.66 7.13 -5.92
CA ARG B 315 22.18 6.22 -6.97
C ARG B 315 23.35 5.72 -7.80
N GLN B 316 24.27 6.62 -8.14
CA GLN B 316 25.40 6.25 -8.97
C GLN B 316 26.37 5.35 -8.21
N LYS B 317 26.56 5.63 -6.92
CA LYS B 317 27.39 4.75 -6.09
C LYS B 317 26.77 3.34 -5.98
N ALA B 318 25.44 3.29 -5.83
CA ALA B 318 24.74 2.02 -5.78
C ALA B 318 24.95 1.25 -7.07
N LEU B 319 24.84 1.94 -8.21
CA LEU B 319 25.07 1.30 -9.50
C LEU B 319 26.51 0.81 -9.66
N ALA B 320 27.47 1.58 -9.16
CA ALA B 320 28.85 1.11 -9.15
C ALA B 320 29.00 -0.19 -8.34
N ALA B 321 28.32 -0.27 -7.21
CA ALA B 321 28.34 -1.49 -6.37
C ALA B 321 27.71 -2.66 -7.15
N VAL B 322 26.60 -2.40 -7.85
CA VAL B 322 25.97 -3.42 -8.66
C VAL B 322 26.92 -3.91 -9.76
N GLU B 323 27.56 -2.97 -10.47
CA GLU B 323 28.45 -3.39 -11.55
C GLU B 323 29.71 -4.14 -11.04
N SER B 324 30.09 -3.93 -9.78
CA SER B 324 31.21 -4.67 -9.13
C SER B 324 30.91 -6.16 -8.87
N LEU B 325 29.65 -6.54 -8.89
CA LEU B 325 29.27 -7.93 -8.63
C LEU B 325 29.72 -8.82 -9.76
N LYS B 326 30.16 -10.05 -9.44
CA LYS B 326 30.52 -11.05 -10.48
C LYS B 326 30.05 -12.48 -10.17
#